data_4R32
#
_entry.id   4R32
#
_cell.length_a   182.960
_cell.length_b   182.960
_cell.length_c   52.850
_cell.angle_alpha   90.00
_cell.angle_beta   90.00
_cell.angle_gamma   120.00
#
_symmetry.space_group_name_H-M   'P 62 2 2'
#
loop_
_entity.id
_entity.type
_entity.pdbx_description
1 polymer 'Protein-tyrosine kinase 2-beta'
2 polymer Paxillin
#
loop_
_entity_poly.entity_id
_entity_poly.type
_entity_poly.pdbx_seq_one_letter_code
_entity_poly.pdbx_strand_id
1 'polypeptide(L)'
;GSHMANLDRTDDLVYLNVMELVRAVLELKNELSQLPPEGYVVVVKNVGLTLRKLIGSVDDLLPSLPSSSRTEIEGTQKLL
NKDLAELINKMRLAQQNAVTSLSEEAKRQMLTASHTLAVDAKNLLDAVDQAKVLANLAH
;
A
2 'polypeptide(L)' GSNLSELDRLLLELNAVQHNPPSG B,C
#
# COMPACT_ATOMS: atom_id res chain seq x y z
N LEU A 7 19.56 4.77 -11.87
CA LEU A 7 18.66 3.72 -12.28
C LEU A 7 17.67 4.22 -13.32
N ASP A 8 17.40 3.41 -14.34
CA ASP A 8 16.57 3.83 -15.48
C ASP A 8 15.07 3.61 -15.21
N ARG A 9 14.35 4.72 -15.12
CA ARG A 9 12.92 4.69 -14.82
C ARG A 9 12.05 4.68 -16.08
N THR A 10 12.46 3.92 -17.08
CA THR A 10 11.75 3.90 -18.36
C THR A 10 10.37 3.24 -18.24
N ASP A 11 10.36 1.94 -17.95
CA ASP A 11 9.13 1.18 -17.97
C ASP A 11 9.03 0.28 -16.75
N ASP A 12 9.79 0.57 -15.72
CA ASP A 12 9.64 -0.14 -14.46
C ASP A 12 8.30 0.18 -13.84
N LEU A 13 7.28 -0.57 -14.27
CA LEU A 13 5.91 -0.39 -13.84
C LEU A 13 5.78 -0.30 -12.33
N VAL A 14 6.56 -1.14 -11.66
CA VAL A 14 6.48 -1.25 -10.22
C VAL A 14 6.89 0.04 -9.51
N TYR A 15 7.95 0.68 -9.98
CA TYR A 15 8.40 1.92 -9.36
C TYR A 15 7.32 2.98 -9.40
N LEU A 16 6.58 3.02 -10.50
CA LEU A 16 5.56 4.04 -10.68
C LEU A 16 4.39 3.81 -9.75
N ASN A 17 3.86 2.59 -9.76
CA ASN A 17 2.75 2.22 -8.91
C ASN A 17 3.05 2.54 -7.45
N VAL A 18 4.31 2.31 -7.08
CA VAL A 18 4.77 2.57 -5.73
C VAL A 18 4.57 4.02 -5.44
N MET A 19 5.11 4.85 -6.31
CA MET A 19 5.02 6.29 -6.09
C MET A 19 3.56 6.70 -6.05
N GLU A 20 2.82 6.15 -7.00
CA GLU A 20 1.38 6.31 -7.05
C GLU A 20 0.74 6.01 -5.68
N LEU A 21 0.93 4.80 -5.19
CA LEU A 21 0.41 4.42 -3.88
C LEU A 21 0.83 5.39 -2.78
N VAL A 22 2.14 5.65 -2.69
CA VAL A 22 2.69 6.54 -1.69
C VAL A 22 1.99 7.89 -1.72
N ARG A 23 1.71 8.38 -2.93
CA ARG A 23 0.96 9.62 -3.08
C ARG A 23 -0.41 9.46 -2.44
N ALA A 24 -1.07 8.36 -2.76
CA ALA A 24 -2.43 8.12 -2.29
C ALA A 24 -2.51 8.16 -0.77
N VAL A 25 -1.52 7.56 -0.11
CA VAL A 25 -1.44 7.59 1.34
C VAL A 25 -1.27 8.99 1.86
N LEU A 26 -0.33 9.71 1.27
CA LEU A 26 -0.03 11.06 1.65
C LEU A 26 -1.26 11.95 1.56
N GLU A 27 -2.02 11.75 0.48
CA GLU A 27 -3.28 12.46 0.29
C GLU A 27 -4.13 12.28 1.53
N LEU A 28 -4.56 11.04 1.74
CA LEU A 28 -5.25 10.64 2.95
C LEU A 28 -4.64 11.30 4.20
N LYS A 29 -3.33 11.15 4.43
CA LYS A 29 -2.69 11.77 5.60
C LYS A 29 -3.08 13.22 5.80
N ASN A 30 -2.97 14.01 4.74
CA ASN A 30 -3.22 15.44 4.82
C ASN A 30 -4.69 15.82 4.69
N GLU A 31 -5.46 14.97 4.02
CA GLU A 31 -6.88 15.24 3.83
C GLU A 31 -7.74 14.90 5.02
N LEU A 32 -7.45 13.78 5.67
CA LEU A 32 -8.31 13.27 6.72
C LEU A 32 -8.68 14.27 7.80
N SER A 33 -7.71 15.13 8.12
CA SER A 33 -7.93 16.21 9.05
C SER A 33 -9.21 16.98 8.70
N GLN A 34 -9.44 17.18 7.40
CA GLN A 34 -10.57 17.99 6.90
C GLN A 34 -11.71 17.18 6.26
N LEU A 35 -11.80 15.89 6.57
CA LEU A 35 -12.79 15.03 5.91
C LEU A 35 -13.93 14.54 6.80
N PRO A 36 -15.16 14.49 6.26
CA PRO A 36 -16.34 13.86 6.86
C PRO A 36 -16.22 12.32 6.84
N PRO A 37 -17.06 11.61 7.62
CA PRO A 37 -16.93 10.16 7.78
C PRO A 37 -17.05 9.39 6.47
N GLU A 38 -18.05 9.73 5.66
CA GLU A 38 -18.23 9.12 4.36
C GLU A 38 -17.01 9.35 3.49
N GLY A 39 -16.32 10.45 3.75
CA GLY A 39 -15.14 10.83 3.00
C GLY A 39 -14.01 9.83 3.03
N TYR A 40 -13.67 9.35 4.22
CA TYR A 40 -12.60 8.37 4.42
C TYR A 40 -12.65 7.26 3.39
N VAL A 41 -13.79 6.57 3.42
CA VAL A 41 -14.08 5.43 2.56
C VAL A 41 -13.52 5.53 1.15
N VAL A 42 -13.63 6.72 0.55
CA VAL A 42 -13.10 6.93 -0.80
C VAL A 42 -11.58 6.95 -0.84
N VAL A 43 -10.94 7.80 -0.03
CA VAL A 43 -9.49 7.95 -0.12
C VAL A 43 -8.81 6.66 0.27
N VAL A 44 -9.47 5.87 1.10
CA VAL A 44 -8.92 4.55 1.42
C VAL A 44 -9.11 3.64 0.23
N LYS A 45 -10.26 3.77 -0.42
CA LYS A 45 -10.48 3.06 -1.67
C LYS A 45 -9.41 3.39 -2.71
N ASN A 46 -9.09 4.69 -2.85
CA ASN A 46 -7.96 5.11 -3.66
C ASN A 46 -6.69 4.37 -3.27
N VAL A 47 -6.36 4.48 -1.99
CA VAL A 47 -5.18 3.83 -1.44
C VAL A 47 -5.28 2.31 -1.60
N GLY A 48 -6.51 1.80 -1.63
CA GLY A 48 -6.71 0.39 -1.89
C GLY A 48 -6.42 0.04 -3.33
N LEU A 49 -6.94 0.85 -4.23
CA LEU A 49 -6.81 0.61 -5.66
C LEU A 49 -5.37 0.61 -6.15
N THR A 50 -4.63 1.68 -5.84
CA THR A 50 -3.23 1.79 -6.26
C THR A 50 -2.43 0.56 -5.87
N LEU A 51 -2.82 -0.05 -4.75
CA LEU A 51 -2.20 -1.27 -4.27
C LEU A 51 -2.49 -2.44 -5.20
N ARG A 52 -3.69 -2.47 -5.76
CA ARG A 52 -4.07 -3.51 -6.70
C ARG A 52 -3.26 -3.45 -7.98
N LYS A 53 -2.94 -2.24 -8.43
CA LYS A 53 -2.11 -2.06 -9.61
C LYS A 53 -0.69 -2.53 -9.35
N LEU A 54 -0.23 -2.30 -8.13
CA LEU A 54 1.12 -2.66 -7.75
C LEU A 54 1.25 -4.17 -7.69
N ILE A 55 0.51 -4.80 -6.78
CA ILE A 55 0.56 -6.26 -6.58
C ILE A 55 0.25 -6.96 -7.89
N GLY A 56 -0.38 -6.23 -8.79
CA GLY A 56 -0.62 -6.69 -10.14
C GLY A 56 0.67 -6.79 -10.95
N SER A 57 1.34 -5.67 -11.17
CA SER A 57 2.53 -5.65 -12.01
C SER A 57 3.63 -6.55 -11.46
N VAL A 58 3.67 -6.70 -10.14
CA VAL A 58 4.66 -7.50 -9.47
C VAL A 58 4.38 -8.99 -9.71
N ASP A 59 3.11 -9.35 -9.76
CA ASP A 59 2.75 -10.75 -9.95
C ASP A 59 3.08 -11.21 -11.38
N ASP A 60 3.36 -10.26 -12.28
CA ASP A 60 3.71 -10.58 -13.66
C ASP A 60 5.23 -10.67 -13.82
N LEU A 61 5.92 -9.86 -13.03
CA LEU A 61 7.36 -9.83 -13.08
C LEU A 61 7.93 -11.06 -12.41
N LEU A 62 7.10 -11.65 -11.56
CA LEU A 62 7.51 -12.71 -10.67
C LEU A 62 8.21 -13.89 -11.34
N PRO A 63 7.58 -14.53 -12.35
CA PRO A 63 8.18 -15.76 -12.88
C PRO A 63 9.62 -15.61 -13.40
N SER A 64 10.00 -14.37 -13.71
CA SER A 64 11.34 -14.07 -14.23
C SER A 64 12.31 -13.65 -13.13
N LEU A 65 12.29 -14.35 -12.01
CA LEU A 65 13.13 -14.00 -10.87
C LEU A 65 13.75 -15.25 -10.22
N PRO A 66 14.85 -15.07 -9.47
CA PRO A 66 15.40 -16.22 -8.76
C PRO A 66 14.35 -16.79 -7.83
N SER A 67 14.21 -18.12 -7.83
CA SER A 67 13.16 -18.77 -7.04
C SER A 67 13.24 -18.32 -5.59
N SER A 68 14.47 -18.05 -5.14
CA SER A 68 14.72 -17.57 -3.79
C SER A 68 14.02 -16.26 -3.50
N SER A 69 14.26 -15.27 -4.34
CA SER A 69 13.65 -13.97 -4.17
C SER A 69 12.16 -14.03 -4.47
N ARG A 70 11.80 -14.92 -5.39
CA ARG A 70 10.41 -15.09 -5.77
C ARG A 70 9.55 -15.31 -4.53
N THR A 71 10.08 -16.05 -3.56
CA THR A 71 9.38 -16.25 -2.31
C THR A 71 9.43 -15.01 -1.45
N GLU A 72 10.63 -14.48 -1.25
CA GLU A 72 10.86 -13.35 -0.37
C GLU A 72 9.87 -12.23 -0.67
N ILE A 73 9.49 -12.14 -1.93
CA ILE A 73 8.56 -11.12 -2.42
C ILE A 73 7.12 -11.50 -2.17
N GLU A 74 6.74 -12.72 -2.55
CA GLU A 74 5.37 -13.20 -2.36
C GLU A 74 4.95 -13.04 -0.90
N GLY A 75 5.95 -13.04 -0.02
CA GLY A 75 5.74 -12.82 1.39
C GLY A 75 5.40 -11.37 1.68
N THR A 76 6.28 -10.45 1.30
CA THR A 76 6.03 -9.03 1.49
C THR A 76 4.80 -8.59 0.69
N GLN A 77 4.39 -9.42 -0.25
CA GLN A 77 3.12 -9.26 -0.94
C GLN A 77 1.97 -9.50 0.02
N LYS A 78 1.90 -10.73 0.53
CA LYS A 78 0.85 -11.13 1.46
C LYS A 78 0.88 -10.29 2.71
N LEU A 79 2.05 -9.78 3.04
CA LEU A 79 2.21 -8.88 4.17
C LEU A 79 1.53 -7.56 3.88
N LEU A 80 1.63 -7.12 2.63
CA LEU A 80 1.02 -5.86 2.21
C LEU A 80 -0.49 -5.90 2.38
N ASN A 81 -1.08 -7.05 2.08
CA ASN A 81 -2.50 -7.27 2.24
C ASN A 81 -2.94 -7.12 3.69
N LYS A 82 -2.20 -7.76 4.59
CA LYS A 82 -2.48 -7.67 6.02
C LYS A 82 -2.50 -6.22 6.51
N ASP A 83 -1.68 -5.38 5.88
CA ASP A 83 -1.58 -3.98 6.27
C ASP A 83 -2.73 -3.13 5.74
N LEU A 84 -3.23 -3.48 4.57
CA LEU A 84 -4.41 -2.80 4.03
C LEU A 84 -5.61 -3.13 4.90
N ALA A 85 -5.75 -4.42 5.20
CA ALA A 85 -6.87 -4.87 6.01
C ALA A 85 -6.91 -4.14 7.34
N GLU A 86 -5.74 -3.97 7.96
CA GLU A 86 -5.66 -3.24 9.22
C GLU A 86 -6.13 -1.81 9.03
N LEU A 87 -5.81 -1.23 7.88
CA LEU A 87 -6.26 0.12 7.58
C LEU A 87 -7.78 0.15 7.47
N ILE A 88 -8.33 -0.83 6.75
CA ILE A 88 -9.78 -0.91 6.60
C ILE A 88 -10.45 -1.02 7.97
N ASN A 89 -9.97 -1.95 8.80
CA ASN A 89 -10.50 -2.10 10.15
C ASN A 89 -10.42 -0.79 10.91
N LYS A 90 -9.22 -0.21 10.98
CA LYS A 90 -9.02 1.07 11.65
C LYS A 90 -9.84 2.18 11.02
N MET A 91 -10.32 1.97 9.79
CA MET A 91 -11.22 2.95 9.18
C MET A 91 -12.62 2.81 9.72
N ARG A 92 -13.13 1.58 9.75
CA ARG A 92 -14.48 1.32 10.23
C ARG A 92 -14.65 1.85 11.64
N LEU A 93 -13.61 1.67 12.46
CA LEU A 93 -13.59 2.22 13.79
C LEU A 93 -13.86 3.72 13.74
N ALA A 94 -13.11 4.40 12.89
CA ALA A 94 -13.19 5.85 12.75
C ALA A 94 -14.59 6.32 12.34
N GLN A 95 -15.37 5.45 11.71
CA GLN A 95 -16.72 5.84 11.30
C GLN A 95 -17.72 5.75 12.44
N GLN A 96 -17.86 4.56 13.03
CA GLN A 96 -18.80 4.37 14.12
C GLN A 96 -18.33 5.03 15.42
N ASN A 97 -17.26 5.82 15.31
CA ASN A 97 -16.76 6.60 16.44
C ASN A 97 -16.45 8.01 15.99
N ALA A 98 -17.08 8.42 14.89
CA ALA A 98 -16.82 9.73 14.31
C ALA A 98 -17.22 10.85 15.24
N VAL A 99 -18.23 10.57 16.07
CA VAL A 99 -18.90 11.60 16.83
C VAL A 99 -18.64 11.49 18.33
N THR A 100 -17.74 10.58 18.69
CA THR A 100 -17.43 10.29 20.08
C THR A 100 -16.13 10.95 20.54
N SER A 101 -15.82 10.81 21.82
CA SER A 101 -14.57 11.35 22.35
C SER A 101 -13.39 10.51 21.89
N LEU A 102 -13.69 9.36 21.28
CA LEU A 102 -12.68 8.44 20.78
C LEU A 102 -12.22 8.79 19.38
N SER A 103 -12.96 9.69 18.75
CA SER A 103 -12.74 10.00 17.34
C SER A 103 -11.29 10.35 17.04
N GLU A 104 -10.67 11.12 17.94
CA GLU A 104 -9.32 11.63 17.71
C GLU A 104 -8.26 10.54 17.67
N GLU A 105 -8.48 9.44 18.39
CA GLU A 105 -7.48 8.38 18.39
C GLU A 105 -7.55 7.52 17.14
N ALA A 106 -8.76 7.06 16.79
CA ALA A 106 -8.95 6.14 15.67
C ALA A 106 -8.33 6.72 14.40
N LYS A 107 -8.52 8.02 14.21
CA LYS A 107 -7.91 8.72 13.09
C LYS A 107 -6.39 8.53 13.08
N ARG A 108 -5.77 8.71 14.24
CA ARG A 108 -4.34 8.48 14.39
C ARG A 108 -3.98 7.08 13.97
N GLN A 109 -4.71 6.12 14.52
CA GLN A 109 -4.48 4.72 14.20
C GLN A 109 -4.66 4.49 12.71
N MET A 110 -5.63 5.17 12.11
CA MET A 110 -5.84 5.06 10.67
C MET A 110 -4.59 5.51 9.93
N LEU A 111 -4.06 6.65 10.35
CA LEU A 111 -2.85 7.21 9.75
C LEU A 111 -1.66 6.28 9.90
N THR A 112 -1.45 5.82 11.13
CA THR A 112 -0.38 4.87 11.41
C THR A 112 -0.51 3.68 10.50
N ALA A 113 -1.75 3.23 10.28
CA ALA A 113 -2.01 2.06 9.45
C ALA A 113 -1.67 2.34 7.99
N SER A 114 -2.17 3.46 7.48
CA SER A 114 -1.88 3.83 6.10
C SER A 114 -0.38 3.99 5.95
N HIS A 115 0.26 4.52 6.98
CA HIS A 115 1.69 4.76 6.94
C HIS A 115 2.47 3.46 6.85
N THR A 116 2.25 2.56 7.81
CA THR A 116 2.98 1.30 7.81
C THR A 116 2.74 0.53 6.52
N LEU A 117 1.58 0.76 5.91
CA LEU A 117 1.28 0.18 4.61
C LEU A 117 2.20 0.75 3.55
N ALA A 118 2.49 2.04 3.64
CA ALA A 118 3.35 2.69 2.66
C ALA A 118 4.79 2.20 2.77
N VAL A 119 5.27 2.05 3.99
CA VAL A 119 6.64 1.60 4.21
C VAL A 119 6.84 0.21 3.67
N ASP A 120 5.96 -0.69 4.07
CA ASP A 120 6.04 -2.08 3.61
C ASP A 120 5.96 -2.18 2.10
N ALA A 121 5.41 -1.15 1.47
CA ALA A 121 5.42 -1.07 0.01
C ALA A 121 6.82 -0.80 -0.51
N LYS A 122 7.52 0.14 0.10
CA LYS A 122 8.90 0.42 -0.26
C LYS A 122 9.76 -0.80 -0.06
N ASN A 123 9.54 -1.48 1.06
CA ASN A 123 10.24 -2.72 1.33
C ASN A 123 10.00 -3.71 0.21
N LEU A 124 8.80 -3.72 -0.34
CA LEU A 124 8.51 -4.62 -1.46
C LEU A 124 9.38 -4.21 -2.63
N LEU A 125 9.56 -2.91 -2.80
CA LEU A 125 10.33 -2.40 -3.92
C LEU A 125 11.72 -2.98 -3.90
N ASP A 126 12.46 -2.64 -2.85
CA ASP A 126 13.81 -3.10 -2.67
C ASP A 126 13.93 -4.61 -2.79
N ALA A 127 12.94 -5.31 -2.27
CA ALA A 127 12.90 -6.77 -2.33
C ALA A 127 12.88 -7.27 -3.77
N VAL A 128 12.34 -6.45 -4.67
CA VAL A 128 12.27 -6.80 -6.07
C VAL A 128 13.56 -6.39 -6.79
N ASP A 129 14.12 -5.25 -6.39
CA ASP A 129 15.36 -4.77 -7.00
C ASP A 129 16.47 -5.79 -6.86
N GLN A 130 16.79 -6.12 -5.61
CA GLN A 130 17.78 -7.13 -5.31
C GLN A 130 17.45 -8.42 -6.03
N ALA A 131 16.17 -8.72 -6.13
CA ALA A 131 15.69 -9.87 -6.87
C ALA A 131 16.10 -9.80 -8.33
N LYS A 132 16.04 -8.60 -8.90
CA LYS A 132 16.38 -8.41 -10.30
C LYS A 132 17.87 -8.53 -10.52
N VAL A 133 18.62 -7.96 -9.57
CA VAL A 133 20.07 -8.04 -9.58
C VAL A 133 20.55 -9.48 -9.74
N LEU A 134 20.04 -10.35 -8.89
CA LEU A 134 20.43 -11.76 -8.92
C LEU A 134 20.01 -12.45 -10.21
N ALA A 135 18.89 -12.02 -10.76
CA ALA A 135 18.39 -12.56 -12.01
C ALA A 135 19.39 -12.29 -13.12
N ASN A 136 20.12 -11.19 -12.99
CA ASN A 136 21.12 -10.82 -13.98
C ASN A 136 22.40 -11.62 -13.82
N LEU A 137 22.88 -11.70 -12.58
CA LEU A 137 24.10 -12.44 -12.24
C LEU A 137 24.11 -13.80 -12.90
N ALA A 138 22.94 -14.41 -13.02
CA ALA A 138 22.77 -15.67 -13.74
C ALA A 138 23.34 -15.61 -15.16
N SER B 5 14.12 8.52 -6.71
CA SER B 5 14.48 9.82 -6.18
C SER B 5 13.25 10.51 -5.64
N GLU B 6 12.15 10.39 -6.37
CA GLU B 6 10.92 11.03 -5.93
C GLU B 6 10.28 10.15 -4.87
N LEU B 7 10.50 8.83 -4.95
CA LEU B 7 9.96 7.92 -3.95
C LEU B 7 10.64 8.18 -2.61
N ASP B 8 11.94 8.44 -2.66
CA ASP B 8 12.68 8.83 -1.48
C ASP B 8 12.19 10.20 -1.01
N ARG B 9 11.90 11.06 -1.98
CA ARG B 9 11.42 12.41 -1.69
C ARG B 9 10.07 12.36 -0.97
N LEU B 10 9.14 11.58 -1.51
CA LEU B 10 7.81 11.45 -0.94
C LEU B 10 7.85 10.81 0.43
N LEU B 11 8.67 9.76 0.57
CA LEU B 11 8.77 9.05 1.83
C LEU B 11 9.40 9.93 2.90
N LEU B 12 10.29 10.83 2.46
CA LEU B 12 10.85 11.84 3.34
C LEU B 12 9.74 12.68 3.95
N GLU B 13 8.78 13.06 3.11
CA GLU B 13 7.67 13.91 3.51
C GLU B 13 6.79 13.27 4.58
N LEU B 14 6.54 11.96 4.44
CA LEU B 14 5.71 11.23 5.39
C LEU B 14 6.31 11.26 6.79
N ASN B 15 7.62 11.07 6.85
CA ASN B 15 8.36 11.07 8.10
C ASN B 15 8.26 12.43 8.80
N SER C 2 -3.29 -16.58 -4.86
CA SER C 2 -4.07 -16.44 -3.65
C SER C 2 -4.04 -15.01 -3.14
N ASN C 3 -2.93 -14.33 -3.37
CA ASN C 3 -2.76 -12.95 -2.97
C ASN C 3 -3.79 -12.04 -3.60
N LEU C 4 -3.79 -12.05 -4.94
CA LEU C 4 -4.74 -11.26 -5.70
C LEU C 4 -6.15 -11.48 -5.20
N SER C 5 -6.53 -12.74 -5.06
CA SER C 5 -7.84 -13.10 -4.54
C SER C 5 -8.16 -12.39 -3.21
N GLU C 6 -7.42 -12.74 -2.16
CA GLU C 6 -7.58 -12.13 -0.83
C GLU C 6 -7.68 -10.60 -0.87
N LEU C 7 -6.84 -10.02 -1.68
CA LEU C 7 -6.80 -8.59 -1.84
C LEU C 7 -8.09 -8.09 -2.48
N ASP C 8 -8.48 -8.69 -3.61
CA ASP C 8 -9.71 -8.29 -4.31
C ASP C 8 -10.88 -8.33 -3.35
N ARG C 9 -10.89 -9.38 -2.53
CA ARG C 9 -11.93 -9.56 -1.54
C ARG C 9 -11.98 -8.34 -0.64
N LEU C 10 -10.84 -7.94 -0.09
CA LEU C 10 -10.77 -6.73 0.74
C LEU C 10 -11.31 -5.50 0.02
N LEU C 11 -11.11 -5.44 -1.29
CA LEU C 11 -11.61 -4.32 -2.06
C LEU C 11 -13.14 -4.33 -2.13
N LEU C 12 -13.71 -5.48 -2.48
CA LEU C 12 -15.17 -5.61 -2.59
C LEU C 12 -15.85 -5.16 -1.31
N GLU C 13 -15.26 -5.56 -0.18
CA GLU C 13 -15.74 -5.19 1.15
C GLU C 13 -15.80 -3.68 1.32
N LEU C 14 -14.72 -3.03 0.91
CA LEU C 14 -14.61 -1.60 1.05
C LEU C 14 -15.65 -0.90 0.17
N ASN C 15 -15.85 -1.43 -1.03
CA ASN C 15 -16.79 -0.83 -1.99
C ASN C 15 -18.24 -1.01 -1.55
N ALA C 16 -18.50 -2.06 -0.77
CA ALA C 16 -19.84 -2.31 -0.26
C ALA C 16 -20.00 -1.71 1.14
#